data_6YKI
#
_entry.id   6YKI
#
_cell.length_a   39.470
_cell.length_b   103.130
_cell.length_c   42.070
_cell.angle_alpha   90.000
_cell.angle_beta   105.575
_cell.angle_gamma   90.000
#
_symmetry.space_group_name_H-M   'P 1 21 1'
#
loop_
_entity.id
_entity.type
_entity.pdbx_description
1 polymer YTHDC1
2 non-polymer 'SULFATE ION'
3 non-polymer ~{N}-ethyl-2-[(2~{S},5~{R})-5-methyl-2-phenyl-morpholin-4-yl]ethanamine
4 water water
#
_entity_poly.entity_id   1
_entity_poly.type   'polypeptide(L)'
_entity_poly.pdbx_seq_one_letter_code
;MHHHHHHSSGRENLYFQGTSKLKYVLQDARFFLIKSNNHENVSLAKAKGVWSTLPVNEKKLNLAFRSARSVILIFSVRES
GKFQGFARLSSESHHGGSPIHWVLPAGMSAKMLGGVFKIDWICRRELPFTKSAHLTNPWNEHKPVKIGRDGQEIELECGT
QLCLLFPPDESIDLYQVIHKMRH
;
_entity_poly.pdbx_strand_id   A,B
#
loop_
_chem_comp.id
_chem_comp.type
_chem_comp.name
_chem_comp.formula
OUZ non-polymer ~{N}-ethyl-2-[(2~{S},5~{R})-5-methyl-2-phenyl-morpholin-4-yl]ethanamine 'C15 H24 N2 O'
SO4 non-polymer 'SULFATE ION' 'O4 S -2'
#
# COMPACT_ATOMS: atom_id res chain seq x y z
N GLY A 18 -13.04 22.51 4.90
CA GLY A 18 -13.52 21.53 3.93
C GLY A 18 -12.41 20.95 3.07
N THR A 19 -12.75 19.91 2.30
CA THR A 19 -11.80 19.21 1.45
C THR A 19 -12.06 19.44 -0.04
N SER A 20 -13.02 20.26 -0.40
CA SER A 20 -13.44 20.36 -1.80
C SER A 20 -12.40 21.09 -2.65
N LYS A 21 -11.87 22.22 -2.17
CA LYS A 21 -10.84 22.89 -2.95
C LYS A 21 -9.59 22.01 -3.05
N LEU A 22 -9.28 21.28 -1.98
CA LEU A 22 -8.14 20.35 -2.03
C LEU A 22 -8.33 19.31 -3.12
N LYS A 23 -9.51 18.69 -3.17
CA LYS A 23 -9.78 17.72 -4.22
C LYS A 23 -9.66 18.35 -5.61
N TYR A 24 -10.07 19.60 -5.75
CA TYR A 24 -9.96 20.28 -7.04
C TYR A 24 -8.49 20.42 -7.44
N VAL A 25 -7.64 20.84 -6.51
CA VAL A 25 -6.22 21.01 -6.79
C VAL A 25 -5.57 19.69 -7.17
N LEU A 26 -6.04 18.58 -6.59
CA LEU A 26 -5.46 17.26 -6.79
C LEU A 26 -6.01 16.55 -8.00
N GLN A 27 -7.06 17.09 -8.64
CA GLN A 27 -7.67 16.43 -9.79
C GLN A 27 -6.65 16.26 -10.90
N ASP A 28 -6.47 15.01 -11.34
CA ASP A 28 -5.56 14.68 -12.44
C ASP A 28 -4.14 15.16 -12.17
N ALA A 29 -3.76 15.26 -10.90
CA ALA A 29 -2.43 15.66 -10.53
C ALA A 29 -1.44 14.50 -10.68
N ARG A 30 -0.17 14.83 -10.70
CA ARG A 30 0.90 13.86 -10.50
C ARG A 30 1.52 14.08 -9.13
N PHE A 31 2.06 13.01 -8.56
CA PHE A 31 2.55 12.99 -7.19
C PHE A 31 3.93 12.36 -7.17
N PHE A 32 4.84 12.94 -6.38
CA PHE A 32 6.19 12.43 -6.21
C PHE A 32 6.57 12.40 -4.75
N LEU A 33 7.14 11.28 -4.32
CA LEU A 33 7.68 11.14 -2.98
C LEU A 33 9.03 11.84 -2.91
N ILE A 34 9.19 12.72 -1.92
CA ILE A 34 10.46 13.40 -1.69
C ILE A 34 10.97 12.92 -0.34
N LYS A 35 12.17 12.34 -0.33
CA LYS A 35 12.79 11.82 0.88
C LYS A 35 13.95 12.74 1.26
N SER A 36 13.87 13.36 2.43
CA SER A 36 14.88 14.28 2.91
C SER A 36 15.68 13.62 4.01
N ASN A 37 16.99 13.90 4.04
CA ASN A 37 17.86 13.34 5.06
C ASN A 37 17.63 13.99 6.42
N ASN A 38 17.12 15.22 6.45
CA ASN A 38 17.04 15.92 7.73
C ASN A 38 15.84 16.86 7.76
N HIS A 39 15.41 17.18 8.98
CA HIS A 39 14.30 18.11 9.16
C HIS A 39 14.67 19.52 8.74
N GLU A 40 15.93 19.90 8.86
CA GLU A 40 16.34 21.27 8.54
C GLU A 40 15.96 21.64 7.11
N ASN A 41 16.12 20.70 6.17
CA ASN A 41 15.82 21.02 4.78
C ASN A 41 14.33 21.18 4.55
N VAL A 42 13.51 20.35 5.21
CA VAL A 42 12.06 20.49 5.08
C VAL A 42 11.60 21.79 5.72
N SER A 43 12.22 22.18 6.85
N SER A 43 12.22 22.17 6.85
CA SER A 43 11.88 23.44 7.49
CA SER A 43 11.88 23.44 7.49
C SER A 43 12.22 24.62 6.57
C SER A 43 12.22 24.62 6.57
N LEU A 44 13.39 24.59 5.93
CA LEU A 44 13.74 25.64 4.99
C LEU A 44 12.75 25.68 3.83
N ALA A 45 12.34 24.51 3.33
CA ALA A 45 11.41 24.47 2.22
C ALA A 45 10.05 25.03 2.66
N LYS A 46 9.64 24.75 3.90
CA LYS A 46 8.38 25.27 4.40
C LYS A 46 8.43 26.79 4.59
N ALA A 47 9.60 27.32 4.97
CA ALA A 47 9.70 28.76 5.23
C ALA A 47 9.86 29.56 3.94
N LYS A 48 10.63 29.04 2.98
CA LYS A 48 11.01 29.80 1.80
C LYS A 48 10.23 29.41 0.55
N GLY A 49 9.47 28.32 0.58
CA GLY A 49 8.70 27.94 -0.60
C GLY A 49 9.54 27.47 -1.76
N VAL A 50 10.58 26.68 -1.49
CA VAL A 50 11.53 26.23 -2.50
C VAL A 50 11.92 24.79 -2.23
N TRP A 51 12.33 24.09 -3.30
CA TRP A 51 12.95 22.79 -3.18
C TRP A 51 14.00 22.64 -4.26
N SER A 52 15.04 21.86 -3.97
CA SER A 52 16.07 21.52 -4.94
C SER A 52 16.38 20.04 -4.79
N THR A 53 16.65 19.38 -5.92
CA THR A 53 16.91 17.96 -5.92
C THR A 53 18.04 17.67 -6.90
N LEU A 54 18.50 16.42 -6.90
CA LEU A 54 19.56 16.01 -7.81
C LEU A 54 19.05 16.04 -9.25
N PRO A 55 19.94 16.23 -10.21
CA PRO A 55 19.49 16.42 -11.61
C PRO A 55 18.62 15.30 -12.16
N VAL A 56 18.84 14.05 -11.77
CA VAL A 56 17.98 12.98 -12.28
C VAL A 56 16.52 13.23 -11.88
N ASN A 57 16.30 13.69 -10.65
CA ASN A 57 14.94 14.00 -10.23
C ASN A 57 14.46 15.34 -10.78
N GLU A 58 15.37 16.30 -10.91
CA GLU A 58 15.02 17.60 -11.50
C GLU A 58 14.43 17.41 -12.89
N LYS A 59 15.05 16.56 -13.71
CA LYS A 59 14.54 16.32 -15.06
C LYS A 59 13.14 15.73 -15.03
N LYS A 60 12.90 14.78 -14.13
CA LYS A 60 11.58 14.15 -14.05
C LYS A 60 10.52 15.18 -13.62
N LEU A 61 10.86 16.02 -12.65
CA LEU A 61 9.88 17.00 -12.15
C LEU A 61 9.58 18.07 -13.19
N ASN A 62 10.61 18.49 -13.95
CA ASN A 62 10.37 19.46 -15.00
C ASN A 62 9.46 18.90 -16.09
N LEU A 63 9.69 17.63 -16.48
CA LEU A 63 8.78 16.99 -17.43
C LEU A 63 7.36 16.91 -16.87
N ALA A 64 7.24 16.54 -15.59
CA ALA A 64 5.93 16.44 -14.97
C ALA A 64 5.23 17.79 -14.93
N PHE A 65 5.97 18.86 -14.61
CA PHE A 65 5.37 20.18 -14.47
C PHE A 65 4.70 20.63 -15.76
N ARG A 66 5.33 20.32 -16.91
CA ARG A 66 4.75 20.69 -18.20
C ARG A 66 3.58 19.79 -18.57
N SER A 67 3.44 18.64 -17.92
CA SER A 67 2.55 17.58 -18.36
C SER A 67 1.21 17.54 -17.63
N ALA A 68 1.09 18.17 -16.47
CA ALA A 68 -0.08 17.97 -15.63
C ALA A 68 -0.51 19.28 -15.00
N ARG A 69 -1.78 19.34 -14.61
CA ARG A 69 -2.34 20.55 -14.03
C ARG A 69 -1.69 20.89 -12.69
N SER A 70 -1.30 19.88 -11.91
CA SER A 70 -0.64 20.08 -10.62
C SER A 70 0.38 18.96 -10.46
N VAL A 71 1.58 19.31 -9.97
CA VAL A 71 2.57 18.34 -9.57
C VAL A 71 2.77 18.51 -8.07
N ILE A 72 2.52 17.44 -7.31
CA ILE A 72 2.51 17.48 -5.85
C ILE A 72 3.74 16.73 -5.35
N LEU A 73 4.51 17.37 -4.48
CA LEU A 73 5.62 16.75 -3.75
C LEU A 73 5.14 16.41 -2.34
N ILE A 74 5.28 15.16 -1.96
CA ILE A 74 4.93 14.68 -0.61
C ILE A 74 6.23 14.37 0.12
N PHE A 75 6.46 15.06 1.24
CA PHE A 75 7.76 15.06 1.89
C PHE A 75 7.80 14.08 3.06
N SER A 76 8.92 13.36 3.18
CA SER A 76 9.18 12.53 4.34
C SER A 76 10.66 12.62 4.72
N VAL A 77 10.93 12.95 5.98
CA VAL A 77 12.27 12.94 6.52
C VAL A 77 12.65 11.50 6.87
N ARG A 78 13.79 11.05 6.34
CA ARG A 78 14.22 9.68 6.59
C ARG A 78 14.33 9.41 8.08
N GLU A 79 13.92 8.21 8.48
CA GLU A 79 13.96 7.73 9.86
C GLU A 79 13.01 8.45 10.79
N SER A 80 12.12 9.31 10.27
CA SER A 80 11.16 10.00 11.11
C SER A 80 9.87 9.21 11.32
N GLY A 81 9.57 8.25 10.45
CA GLY A 81 8.33 7.52 10.54
C GLY A 81 7.11 8.30 10.12
N LYS A 82 7.28 9.46 9.48
CA LYS A 82 6.14 10.30 9.13
C LYS A 82 6.40 10.99 7.80
N PHE A 83 5.31 11.47 7.21
CA PHE A 83 5.38 12.53 6.21
C PHE A 83 5.24 13.87 6.92
N GLN A 84 5.87 14.90 6.37
CA GLN A 84 5.85 16.23 6.99
C GLN A 84 4.99 17.24 6.26
N GLY A 85 4.35 16.84 5.16
CA GLY A 85 3.44 17.71 4.46
C GLY A 85 3.52 17.52 2.96
N PHE A 86 2.81 18.36 2.20
CA PHE A 86 2.87 18.29 0.75
C PHE A 86 2.66 19.66 0.14
N ALA A 87 3.19 19.84 -1.07
CA ALA A 87 3.27 21.14 -1.72
C ALA A 87 3.11 20.92 -3.22
N ARG A 88 2.72 21.98 -3.93
CA ARG A 88 2.52 21.92 -5.36
C ARG A 88 3.59 22.75 -6.05
N LEU A 89 4.22 22.19 -7.09
CA LEU A 89 5.17 22.96 -7.88
C LEU A 89 4.48 24.16 -8.49
N SER A 90 5.07 25.34 -8.31
CA SER A 90 4.60 26.52 -9.02
C SER A 90 5.51 26.97 -10.15
N SER A 91 6.68 26.33 -10.30
CA SER A 91 7.59 26.65 -11.40
C SER A 91 8.39 25.41 -11.77
N GLU A 92 9.00 25.46 -12.95
CA GLU A 92 10.10 24.56 -13.27
C GLU A 92 11.34 25.00 -12.49
N SER A 93 12.42 24.23 -12.58
CA SER A 93 13.62 24.60 -11.86
C SER A 93 14.32 25.77 -12.54
N HIS A 94 14.95 26.61 -11.73
CA HIS A 94 15.73 27.74 -12.23
C HIS A 94 17.00 27.87 -11.41
N HIS A 95 18.03 28.39 -12.04
CA HIS A 95 19.33 28.59 -11.42
C HIS A 95 19.58 30.09 -11.20
N GLY A 96 20.51 30.38 -10.30
CA GLY A 96 20.97 31.73 -10.08
C GLY A 96 20.13 32.58 -9.14
N GLY A 97 19.21 31.99 -8.39
CA GLY A 97 18.36 32.74 -7.50
C GLY A 97 19.03 33.02 -6.16
N SER A 98 18.19 33.20 -5.15
CA SER A 98 18.68 33.33 -3.79
C SER A 98 19.36 32.02 -3.41
N PRO A 99 20.62 32.05 -2.99
CA PRO A 99 21.25 30.81 -2.51
C PRO A 99 20.53 30.30 -1.28
N ILE A 100 20.46 28.97 -1.15
CA ILE A 100 19.74 28.33 -0.06
C ILE A 100 20.73 27.48 0.72
N HIS A 101 20.79 27.70 2.03
CA HIS A 101 21.75 27.01 2.89
C HIS A 101 21.17 25.65 3.31
N TRP A 102 20.99 24.80 2.31
CA TRP A 102 20.60 23.42 2.58
C TRP A 102 21.68 22.75 3.42
N VAL A 103 21.27 21.78 4.23
CA VAL A 103 22.21 20.88 4.90
C VAL A 103 22.48 19.74 3.93
N LEU A 104 23.65 19.71 3.37
CA LEU A 104 23.85 18.72 2.35
C LEU A 104 24.45 17.45 2.95
N PRO A 105 24.23 16.30 2.31
CA PRO A 105 24.73 15.03 2.87
C PRO A 105 26.25 15.02 2.96
N ALA A 106 26.76 14.09 3.75
CA ALA A 106 28.20 13.94 3.93
C ALA A 106 28.88 13.76 2.58
N GLY A 107 29.75 14.70 2.23
CA GLY A 107 30.52 14.64 1.00
C GLY A 107 29.93 15.42 -0.16
N MET A 108 28.65 15.79 -0.10
CA MET A 108 28.00 16.45 -1.21
C MET A 108 28.31 17.94 -1.22
N SER A 109 28.38 18.51 -2.42
CA SER A 109 28.53 19.93 -2.63
C SER A 109 27.25 20.48 -3.26
N ALA A 110 27.03 21.78 -3.06
CA ALA A 110 25.84 22.43 -3.62
C ALA A 110 25.86 22.46 -5.14
N LYS A 111 27.05 22.43 -5.75
CA LYS A 111 27.13 22.37 -7.20
C LYS A 111 26.53 21.09 -7.76
N MET A 112 26.44 20.03 -6.94
CA MET A 112 25.83 18.79 -7.40
C MET A 112 24.32 18.90 -7.55
N LEU A 113 23.70 19.92 -6.96
CA LEU A 113 22.26 20.09 -7.08
C LEU A 113 21.90 20.65 -8.45
N GLY A 114 20.66 20.37 -8.84
CA GLY A 114 20.06 21.05 -9.97
C GLY A 114 19.53 22.40 -9.56
N GLY A 115 18.59 22.91 -10.35
CA GLY A 115 18.00 24.21 -10.08
C GLY A 115 17.07 24.18 -8.88
N VAL A 116 16.43 25.32 -8.67
CA VAL A 116 15.49 25.51 -7.56
C VAL A 116 14.08 25.56 -8.13
N PHE A 117 13.18 24.79 -7.53
CA PHE A 117 11.76 24.83 -7.84
C PHE A 117 11.07 25.71 -6.81
N LYS A 118 10.18 26.59 -7.28
CA LYS A 118 9.26 27.23 -6.36
C LYS A 118 8.09 26.29 -6.09
N ILE A 119 7.65 26.26 -4.84
CA ILE A 119 6.54 25.42 -4.41
C ILE A 119 5.60 26.22 -3.52
N ASP A 120 4.31 25.87 -3.59
CA ASP A 120 3.29 26.41 -2.69
C ASP A 120 2.84 25.28 -1.79
N TRP A 121 2.97 25.46 -0.49
CA TRP A 121 2.57 24.43 0.45
C TRP A 121 1.04 24.30 0.46
N ILE A 122 0.58 23.05 0.51
CA ILE A 122 -0.84 22.76 0.59
C ILE A 122 -1.18 22.28 1.99
N CYS A 123 -0.23 21.60 2.64
CA CYS A 123 -0.39 21.12 4.00
C CYS A 123 0.99 21.05 4.65
N ARG A 124 1.15 21.75 5.78
CA ARG A 124 2.39 21.69 6.55
C ARG A 124 2.28 20.78 7.76
N ARG A 125 1.18 20.05 7.90
CA ARG A 125 0.97 19.12 9.00
C ARG A 125 1.60 17.76 8.68
N GLU A 126 1.92 17.02 9.74
CA GLU A 126 2.53 15.70 9.64
C GLU A 126 1.46 14.61 9.53
N LEU A 127 1.88 13.48 8.96
CA LEU A 127 1.07 12.27 8.92
C LEU A 127 1.95 11.06 9.23
N PRO A 128 1.67 10.32 10.29
CA PRO A 128 2.47 9.14 10.60
C PRO A 128 2.22 8.03 9.59
N PHE A 129 3.29 7.26 9.31
CA PHE A 129 3.20 6.14 8.38
C PHE A 129 2.14 5.13 8.82
N THR A 130 1.92 4.98 10.13
CA THR A 130 0.91 4.05 10.59
C THR A 130 -0.46 4.36 10.00
N LYS A 131 -0.71 5.62 9.64
CA LYS A 131 -2.00 5.98 9.06
C LYS A 131 -2.09 5.72 7.56
N SER A 132 -0.96 5.47 6.88
CA SER A 132 -1.00 5.23 5.43
C SER A 132 -0.74 3.78 5.07
N ALA A 133 -0.83 2.86 6.03
CA ALA A 133 -0.46 1.47 5.80
C ALA A 133 -1.40 0.76 4.83
N HIS A 134 -2.62 1.26 4.62
CA HIS A 134 -3.53 0.66 3.66
C HIS A 134 -3.33 1.19 2.24
N LEU A 135 -2.34 2.06 2.02
CA LEU A 135 -2.12 2.65 0.70
C LEU A 135 -0.85 2.05 0.10
N THR A 136 -1.00 1.40 -1.05
CA THR A 136 0.13 0.86 -1.80
C THR A 136 0.29 1.63 -3.11
N ASN A 137 1.53 1.68 -3.58
CA ASN A 137 1.86 2.45 -4.78
C ASN A 137 2.12 1.50 -5.95
N PRO A 138 1.21 1.43 -6.91
CA PRO A 138 1.44 0.55 -8.07
C PRO A 138 2.73 0.81 -8.83
N TRP A 139 3.23 2.05 -8.83
CA TRP A 139 4.46 2.35 -9.56
C TRP A 139 5.72 1.97 -8.78
N ASN A 140 5.58 1.50 -7.54
CA ASN A 140 6.71 0.92 -6.81
C ASN A 140 6.32 -0.48 -6.31
N GLU A 141 5.94 -1.34 -7.24
CA GLU A 141 5.68 -2.76 -6.96
C GLU A 141 4.59 -2.97 -5.92
N HIS A 142 3.67 -2.01 -5.77
CA HIS A 142 2.56 -2.09 -4.83
C HIS A 142 3.04 -2.18 -3.39
N LYS A 143 4.24 -1.70 -3.14
CA LYS A 143 4.72 -1.55 -1.77
C LYS A 143 3.98 -0.42 -1.08
N PRO A 144 3.92 -0.43 0.26
CA PRO A 144 3.28 0.67 0.99
C PRO A 144 3.89 2.00 0.55
N VAL A 145 3.05 3.02 0.44
CA VAL A 145 3.45 4.27 -0.21
C VAL A 145 4.60 4.95 0.52
N LYS A 146 4.75 4.71 1.83
CA LYS A 146 5.90 5.22 2.56
C LYS A 146 7.23 4.70 2.03
N ILE A 147 7.22 3.58 1.32
CA ILE A 147 8.45 2.98 0.82
C ILE A 147 8.73 3.55 -0.57
N GLY A 148 9.95 4.05 -0.76
CA GLY A 148 10.33 4.56 -2.06
C GLY A 148 11.57 5.42 -2.01
N ARG A 149 12.34 5.44 -3.09
CA ARG A 149 13.48 6.33 -3.19
C ARG A 149 12.99 7.76 -3.39
N ASP A 150 13.85 8.71 -3.05
CA ASP A 150 13.58 10.11 -3.35
C ASP A 150 13.26 10.26 -4.83
N GLY A 151 12.12 10.86 -5.12
CA GLY A 151 11.68 11.08 -6.49
C GLY A 151 10.75 10.02 -7.05
N GLN A 152 10.45 8.96 -6.30
CA GLN A 152 9.52 7.93 -6.75
C GLN A 152 8.17 8.53 -7.08
N GLU A 153 7.67 8.31 -8.29
CA GLU A 153 6.33 8.77 -8.61
C GLU A 153 5.30 7.90 -7.89
N ILE A 154 4.26 8.54 -7.39
CA ILE A 154 3.13 7.88 -6.74
C ILE A 154 1.94 7.94 -7.67
N GLU A 155 1.35 6.77 -7.94
CA GLU A 155 0.19 6.67 -8.80
C GLU A 155 -0.97 7.54 -8.31
N LEU A 156 -1.80 8.01 -9.26
CA LEU A 156 -2.80 9.03 -9.01
C LEU A 156 -3.74 8.70 -7.85
N GLU A 157 -4.34 7.51 -7.85
CA GLU A 157 -5.31 7.18 -6.80
C GLU A 157 -4.64 7.09 -5.44
N CYS A 158 -3.46 6.45 -5.39
CA CYS A 158 -2.73 6.33 -4.14
C CYS A 158 -2.31 7.70 -3.62
N GLY A 159 -1.82 8.56 -4.53
CA GLY A 159 -1.38 9.88 -4.11
C GLY A 159 -2.52 10.74 -3.63
N THR A 160 -3.67 10.68 -4.33
CA THR A 160 -4.85 11.42 -3.91
C THR A 160 -5.31 10.98 -2.52
N GLN A 161 -5.43 9.67 -2.30
CA GLN A 161 -5.86 9.20 -0.99
C GLN A 161 -4.85 9.53 0.09
N LEU A 162 -3.55 9.50 -0.24
CA LEU A 162 -2.54 9.86 0.76
C LEU A 162 -2.69 11.32 1.17
N CYS A 163 -2.86 12.21 0.20
CA CYS A 163 -2.96 13.62 0.54
C CYS A 163 -4.22 13.87 1.36
N LEU A 164 -5.31 13.16 1.05
CA LEU A 164 -6.55 13.34 1.80
C LEU A 164 -6.47 12.82 3.23
N LEU A 165 -5.48 11.98 3.55
CA LEU A 165 -5.31 11.48 4.91
C LEU A 165 -4.72 12.52 5.85
N PHE A 166 -3.99 13.50 5.33
CA PHE A 166 -3.33 14.46 6.20
C PHE A 166 -4.37 15.26 6.97
N PRO A 167 -4.06 15.69 8.19
CA PRO A 167 -4.93 16.63 8.89
C PRO A 167 -5.08 17.89 8.07
N PRO A 168 -6.28 18.49 8.03
CA PRO A 168 -6.43 19.75 7.31
C PRO A 168 -5.51 20.83 7.90
N ASP A 169 -4.94 21.64 7.02
CA ASP A 169 -4.09 22.76 7.43
C ASP A 169 -4.89 24.04 7.24
N GLU A 170 -5.52 24.49 8.33
CA GLU A 170 -6.41 25.63 8.24
C GLU A 170 -5.67 26.95 8.07
N SER A 171 -4.33 26.94 8.11
CA SER A 171 -3.58 28.16 7.84
C SER A 171 -3.44 28.46 6.36
N ILE A 172 -3.77 27.51 5.49
CA ILE A 172 -3.56 27.64 4.05
C ILE A 172 -4.89 27.87 3.36
N ASP A 173 -4.90 28.83 2.44
CA ASP A 173 -6.07 29.16 1.62
C ASP A 173 -5.74 28.74 0.20
N LEU A 174 -6.43 27.72 -0.31
CA LEU A 174 -6.13 27.20 -1.63
C LEU A 174 -6.65 28.06 -2.77
N TYR A 175 -7.32 29.17 -2.46
CA TYR A 175 -7.77 30.10 -3.48
C TYR A 175 -6.61 30.56 -4.37
N GLN A 176 -5.47 30.93 -3.75
N GLN A 176 -5.48 30.93 -3.76
CA GLN A 176 -4.34 31.44 -4.51
CA GLN A 176 -4.36 31.46 -4.57
C GLN A 176 -3.71 30.37 -5.38
C GLN A 176 -3.67 30.37 -5.38
N VAL A 177 -3.64 29.14 -4.89
CA VAL A 177 -3.07 28.05 -5.67
C VAL A 177 -3.96 27.71 -6.85
N ILE A 178 -5.29 27.74 -6.65
CA ILE A 178 -6.21 27.47 -7.73
C ILE A 178 -6.01 28.45 -8.89
N HIS A 179 -5.66 29.69 -8.58
CA HIS A 179 -5.47 30.69 -9.63
C HIS A 179 -4.22 30.43 -10.46
N LYS A 180 -3.25 29.68 -9.94
CA LYS A 180 -2.04 29.38 -10.69
C LYS A 180 -2.19 28.17 -11.60
N MET A 181 -3.33 27.49 -11.59
CA MET A 181 -3.50 26.29 -12.39
C MET A 181 -4.02 26.61 -13.79
N GLY B 18 -3.09 -14.37 24.04
CA GLY B 18 -3.88 -15.59 24.16
C GLY B 18 -4.56 -15.94 22.85
N THR B 19 -4.96 -17.21 22.72
CA THR B 19 -5.49 -17.73 21.47
C THR B 19 -7.00 -17.95 21.50
N SER B 20 -7.69 -17.53 22.56
CA SER B 20 -9.13 -17.78 22.66
C SER B 20 -9.90 -17.13 21.51
N LYS B 21 -9.56 -15.88 21.17
CA LYS B 21 -10.25 -15.21 20.07
C LYS B 21 -10.06 -15.95 18.76
N LEU B 22 -8.81 -16.28 18.43
CA LEU B 22 -8.54 -16.94 17.16
C LEU B 22 -9.20 -18.32 17.10
N LYS B 23 -9.17 -19.06 18.22
CA LYS B 23 -9.79 -20.39 18.21
C LYS B 23 -11.29 -20.27 18.00
N TYR B 24 -11.90 -19.23 18.54
CA TYR B 24 -13.33 -19.00 18.30
C TYR B 24 -13.60 -18.73 16.82
N VAL B 25 -12.79 -17.88 16.21
CA VAL B 25 -12.96 -17.59 14.79
C VAL B 25 -12.87 -18.87 13.96
N LEU B 26 -12.00 -19.79 14.37
CA LEU B 26 -11.70 -21.00 13.60
C LEU B 26 -12.56 -22.20 14.00
N GLN B 27 -13.47 -22.06 14.97
CA GLN B 27 -14.16 -23.24 15.51
C GLN B 27 -14.92 -24.01 14.43
N ASP B 28 -15.59 -23.30 13.53
CA ASP B 28 -16.28 -23.93 12.41
C ASP B 28 -15.74 -23.27 11.17
N ALA B 29 -14.56 -23.68 10.74
CA ALA B 29 -13.90 -23.04 9.62
C ALA B 29 -13.58 -24.03 8.52
N ARG B 30 -13.52 -23.51 7.31
CA ARG B 30 -12.88 -24.19 6.20
C ARG B 30 -11.65 -23.38 5.80
N PHE B 31 -10.65 -24.07 5.24
CA PHE B 31 -9.34 -23.48 4.98
C PHE B 31 -8.91 -23.79 3.56
N PHE B 32 -8.38 -22.78 2.87
CA PHE B 32 -7.91 -22.95 1.51
C PHE B 32 -6.53 -22.33 1.34
N LEU B 33 -5.62 -23.10 0.74
CA LEU B 33 -4.33 -22.58 0.31
C LEU B 33 -4.52 -21.69 -0.92
N ILE B 34 -3.95 -20.48 -0.87
CA ILE B 34 -3.95 -19.57 -2.01
C ILE B 34 -2.50 -19.41 -2.45
N LYS B 35 -2.21 -19.78 -3.69
CA LYS B 35 -0.86 -19.70 -4.24
C LYS B 35 -0.82 -18.58 -5.27
N SER B 36 0.06 -17.60 -5.05
CA SER B 36 0.21 -16.42 -5.88
C SER B 36 1.56 -16.47 -6.58
N ASN B 37 1.59 -15.98 -7.82
CA ASN B 37 2.85 -15.87 -8.56
C ASN B 37 3.55 -14.55 -8.34
N ASN B 38 2.97 -13.64 -7.53
CA ASN B 38 3.44 -12.26 -7.51
C ASN B 38 3.24 -11.67 -6.13
N HIS B 39 4.36 -11.34 -5.46
CA HIS B 39 4.29 -10.61 -4.19
C HIS B 39 3.46 -9.34 -4.29
N GLU B 40 3.44 -8.70 -5.46
CA GLU B 40 2.71 -7.44 -5.60
C GLU B 40 1.22 -7.61 -5.34
N ASN B 41 0.64 -8.71 -5.84
CA ASN B 41 -0.78 -8.92 -5.64
C ASN B 41 -1.10 -9.24 -4.19
N VAL B 42 -0.19 -9.93 -3.49
CA VAL B 42 -0.40 -10.15 -2.07
C VAL B 42 -0.33 -8.83 -1.31
N SER B 43 0.62 -7.96 -1.68
CA SER B 43 0.71 -6.67 -1.03
CA SER B 43 0.72 -6.65 -1.04
C SER B 43 -0.55 -5.85 -1.25
N LEU B 44 -1.07 -5.84 -2.47
CA LEU B 44 -2.32 -5.15 -2.76
CA LEU B 44 -2.32 -5.14 -2.75
C LEU B 44 -3.46 -5.73 -1.93
N ALA B 45 -3.55 -7.07 -1.89
CA ALA B 45 -4.62 -7.75 -1.17
C ALA B 45 -4.56 -7.44 0.32
N LYS B 46 -3.35 -7.37 0.86
CA LYS B 46 -3.18 -7.07 2.28
C LYS B 46 -3.64 -5.67 2.62
N ALA B 47 -3.39 -4.71 1.74
CA ALA B 47 -3.70 -3.32 2.04
C ALA B 47 -5.18 -3.02 1.84
N LYS B 48 -5.78 -3.58 0.79
CA LYS B 48 -7.15 -3.28 0.40
C LYS B 48 -8.18 -4.27 0.93
N GLY B 49 -7.76 -5.44 1.41
CA GLY B 49 -8.73 -6.38 1.94
C GLY B 49 -9.58 -7.05 0.87
N VAL B 50 -8.95 -7.48 -0.23
CA VAL B 50 -9.66 -8.08 -1.36
C VAL B 50 -8.82 -9.21 -1.94
N TRP B 51 -9.51 -10.16 -2.59
CA TRP B 51 -8.85 -11.18 -3.38
C TRP B 51 -9.73 -11.54 -4.56
N SER B 52 -9.09 -11.97 -5.65
CA SER B 52 -9.79 -12.48 -6.83
CA SER B 52 -9.80 -12.48 -6.81
C SER B 52 -9.04 -13.70 -7.32
N THR B 53 -9.80 -14.74 -7.69
CA THR B 53 -9.21 -16.00 -8.15
C THR B 53 -9.90 -16.42 -9.43
N LEU B 54 -9.40 -17.50 -10.03
CA LEU B 54 -10.01 -17.98 -11.26
C LEU B 54 -11.33 -18.68 -10.97
N PRO B 55 -12.18 -18.85 -11.99
CA PRO B 55 -13.55 -19.32 -11.72
C PRO B 55 -13.67 -20.64 -10.99
N VAL B 56 -12.81 -21.62 -11.22
CA VAL B 56 -12.94 -22.89 -10.52
C VAL B 56 -12.83 -22.69 -9.01
N ASN B 57 -11.80 -21.94 -8.59
CA ASN B 57 -11.64 -21.68 -7.16
C ASN B 57 -12.68 -20.70 -6.63
N GLU B 58 -13.13 -19.76 -7.46
CA GLU B 58 -14.17 -18.83 -7.03
C GLU B 58 -15.43 -19.57 -6.62
N LYS B 59 -15.83 -20.55 -7.43
CA LYS B 59 -17.03 -21.35 -7.11
C LYS B 59 -16.84 -22.10 -5.81
N LYS B 60 -15.66 -22.72 -5.62
CA LYS B 60 -15.37 -23.43 -4.38
C LYS B 60 -15.47 -22.52 -3.16
N LEU B 61 -14.90 -21.32 -3.25
CA LEU B 61 -14.91 -20.40 -2.12
C LEU B 61 -16.31 -19.90 -1.82
N ASN B 62 -17.12 -19.64 -2.86
CA ASN B 62 -18.50 -19.21 -2.63
C ASN B 62 -19.30 -20.30 -1.95
N LEU B 63 -19.16 -21.55 -2.41
CA LEU B 63 -19.81 -22.67 -1.73
C LEU B 63 -19.35 -22.76 -0.28
N ALA B 64 -18.05 -22.62 -0.04
CA ALA B 64 -17.54 -22.69 1.32
C ALA B 64 -18.10 -21.57 2.20
N PHE B 65 -18.23 -20.37 1.64
CA PHE B 65 -18.71 -19.23 2.42
C PHE B 65 -20.09 -19.49 3.00
N ARG B 66 -20.94 -20.21 2.27
CA ARG B 66 -22.29 -20.52 2.74
C ARG B 66 -22.35 -21.77 3.61
N SER B 67 -21.25 -22.50 3.77
CA SER B 67 -21.29 -23.79 4.45
C SER B 67 -20.55 -23.79 5.78
N ALA B 68 -19.84 -22.73 6.13
CA ALA B 68 -19.03 -22.70 7.33
C ALA B 68 -19.07 -21.30 7.91
N ARG B 69 -18.90 -21.22 9.23
CA ARG B 69 -18.95 -19.91 9.89
C ARG B 69 -17.78 -19.03 9.47
N SER B 70 -16.64 -19.62 9.14
CA SER B 70 -15.48 -18.87 8.69
C SER B 70 -14.81 -19.61 7.55
N VAL B 71 -14.42 -18.87 6.52
CA VAL B 71 -13.62 -19.42 5.44
C VAL B 71 -12.28 -18.69 5.43
N ILE B 72 -11.20 -19.44 5.55
CA ILE B 72 -9.86 -18.90 5.76
C ILE B 72 -9.04 -19.16 4.51
N LEU B 73 -8.39 -18.10 4.03
CA LEU B 73 -7.43 -18.18 2.93
C LEU B 73 -6.03 -18.03 3.51
N ILE B 74 -5.18 -19.01 3.23
CA ILE B 74 -3.80 -19.00 3.73
C ILE B 74 -2.90 -18.80 2.53
N PHE B 75 -2.16 -17.70 2.49
CA PHE B 75 -1.46 -17.25 1.29
C PHE B 75 -0.01 -17.71 1.26
N SER B 76 0.44 -18.15 0.08
CA SER B 76 1.84 -18.43 -0.16
C SER B 76 2.23 -17.99 -1.57
N VAL B 77 3.25 -17.16 -1.65
CA VAL B 77 3.81 -16.75 -2.94
C VAL B 77 4.71 -17.88 -3.43
N ARG B 78 4.50 -18.30 -4.68
CA ARG B 78 5.26 -19.42 -5.22
C ARG B 78 6.76 -19.11 -5.19
N GLU B 79 7.53 -20.13 -4.82
CA GLU B 79 8.99 -20.10 -4.67
C GLU B 79 9.48 -19.28 -3.47
N SER B 80 8.60 -18.78 -2.61
CA SER B 80 9.06 -17.95 -1.50
C SER B 80 9.50 -18.77 -0.30
N GLY B 81 9.11 -20.04 -0.22
CA GLY B 81 9.39 -20.85 0.96
C GLY B 81 8.64 -20.45 2.20
N LYS B 82 7.60 -19.62 2.08
CA LYS B 82 6.89 -19.09 3.23
C LYS B 82 5.42 -18.95 2.90
N PHE B 83 4.61 -18.92 3.96
CA PHE B 83 3.28 -18.33 3.89
C PHE B 83 3.41 -16.86 4.25
N GLN B 84 2.58 -16.02 3.64
CA GLN B 84 2.63 -14.58 3.87
C GLN B 84 1.54 -14.05 4.79
N GLY B 85 0.63 -14.90 5.22
CA GLY B 85 -0.43 -14.50 6.14
C GLY B 85 -1.69 -15.28 5.85
N PHE B 86 -2.75 -14.93 6.59
CA PHE B 86 -4.05 -15.54 6.36
C PHE B 86 -5.17 -14.56 6.65
N ALA B 87 -6.31 -14.81 6.02
CA ALA B 87 -7.43 -13.89 6.04
C ALA B 87 -8.73 -14.68 6.02
N ARG B 88 -9.80 -14.02 6.43
CA ARG B 88 -11.14 -14.62 6.47
C ARG B 88 -12.04 -13.92 5.45
N LEU B 89 -12.76 -14.69 4.64
CA LEU B 89 -13.74 -14.11 3.73
C LEU B 89 -14.82 -13.38 4.52
N SER B 90 -15.10 -12.12 4.14
CA SER B 90 -16.24 -11.41 4.67
C SER B 90 -17.40 -11.35 3.69
N SER B 91 -17.21 -11.81 2.46
CA SER B 91 -18.29 -11.83 1.48
C SER B 91 -18.03 -12.96 0.50
N GLU B 92 -19.10 -13.36 -0.20
CA GLU B 92 -18.94 -14.08 -1.44
C GLU B 92 -18.35 -13.14 -2.49
N SER B 93 -17.92 -13.71 -3.60
CA SER B 93 -17.38 -12.87 -4.66
C SER B 93 -18.48 -12.01 -5.26
N HIS B 94 -18.10 -10.83 -5.73
CA HIS B 94 -19.06 -9.92 -6.36
C HIS B 94 -18.42 -9.21 -7.53
N HIS B 95 -19.21 -9.00 -8.58
CA HIS B 95 -18.77 -8.24 -9.74
C HIS B 95 -19.35 -6.84 -9.70
N GLY B 96 -18.77 -5.96 -10.52
CA GLY B 96 -19.30 -4.61 -10.67
C GLY B 96 -18.98 -3.65 -9.56
N GLY B 97 -18.33 -4.11 -8.50
CA GLY B 97 -17.90 -3.20 -7.45
C GLY B 97 -16.76 -2.32 -7.92
N SER B 98 -16.16 -1.63 -6.96
CA SER B 98 -14.97 -0.84 -7.22
C SER B 98 -13.90 -1.73 -7.86
N PRO B 99 -13.39 -1.39 -9.04
CA PRO B 99 -12.43 -2.28 -9.70
C PRO B 99 -11.12 -2.37 -8.94
N ILE B 100 -10.56 -3.57 -8.90
CA ILE B 100 -9.23 -3.82 -8.36
C ILE B 100 -8.29 -3.99 -9.53
N HIS B 101 -7.16 -3.28 -9.50
CA HIS B 101 -6.21 -3.28 -10.61
C HIS B 101 -5.02 -4.16 -10.25
N TRP B 102 -5.21 -5.46 -10.40
CA TRP B 102 -4.17 -6.42 -10.10
C TRP B 102 -3.05 -6.34 -11.12
N VAL B 103 -1.90 -6.88 -10.74
CA VAL B 103 -0.84 -7.18 -11.70
C VAL B 103 -1.25 -8.48 -12.41
N LEU B 104 -1.66 -8.36 -13.66
CA LEU B 104 -2.18 -9.51 -14.39
C LEU B 104 -1.03 -10.32 -15.00
N PRO B 105 -1.11 -11.65 -14.96
CA PRO B 105 -0.03 -12.46 -15.53
C PRO B 105 0.11 -12.24 -17.03
N ALA B 106 1.21 -12.77 -17.57
CA ALA B 106 1.65 -12.54 -18.94
C ALA B 106 0.54 -12.67 -19.97
N GLY B 107 0.13 -11.54 -20.56
CA GLY B 107 -0.84 -11.57 -21.64
C GLY B 107 -2.24 -11.98 -21.23
N MET B 108 -2.44 -12.21 -19.93
CA MET B 108 -3.76 -12.53 -19.42
C MET B 108 -4.65 -11.28 -19.42
N SER B 109 -5.93 -11.48 -19.15
CA SER B 109 -6.89 -10.40 -19.14
C SER B 109 -7.70 -10.44 -17.84
N ALA B 110 -8.12 -9.26 -17.39
CA ALA B 110 -8.92 -9.17 -16.18
C ALA B 110 -10.27 -9.84 -16.37
N LYS B 111 -10.75 -9.94 -17.62
CA LYS B 111 -12.01 -10.62 -17.87
C LYS B 111 -11.98 -12.07 -17.45
N MET B 112 -10.79 -12.68 -17.43
CA MET B 112 -10.67 -14.08 -17.02
C MET B 112 -10.90 -14.30 -15.53
N LEU B 113 -10.87 -13.24 -14.73
CA LEU B 113 -11.01 -13.41 -13.29
C LEU B 113 -12.47 -13.60 -12.92
N GLY B 114 -12.69 -14.14 -11.73
CA GLY B 114 -13.99 -14.13 -11.11
C GLY B 114 -14.28 -12.77 -10.50
N GLY B 115 -15.24 -12.75 -9.59
CA GLY B 115 -15.55 -11.55 -8.84
C GLY B 115 -14.49 -11.25 -7.79
N VAL B 116 -14.77 -10.23 -7.00
CA VAL B 116 -13.89 -9.83 -5.91
C VAL B 116 -14.46 -10.33 -4.60
N PHE B 117 -13.64 -11.03 -3.82
CA PHE B 117 -13.98 -11.39 -2.46
C PHE B 117 -13.46 -10.30 -1.52
N LYS B 118 -14.29 -9.85 -0.60
CA LYS B 118 -13.79 -9.01 0.49
C LYS B 118 -13.24 -9.93 1.57
N ILE B 119 -12.06 -9.58 2.11
CA ILE B 119 -11.40 -10.41 3.11
C ILE B 119 -10.90 -9.51 4.25
N ASP B 120 -10.94 -10.05 5.47
CA ASP B 120 -10.36 -9.40 6.64
C ASP B 120 -9.12 -10.20 7.05
N TRP B 121 -7.97 -9.55 6.99
CA TRP B 121 -6.74 -10.23 7.37
C TRP B 121 -6.72 -10.51 8.87
N ILE B 122 -6.25 -11.70 9.22
CA ILE B 122 -6.03 -12.07 10.60
C ILE B 122 -4.56 -12.04 10.96
N CYS B 123 -3.67 -12.33 10.02
CA CYS B 123 -2.23 -12.17 10.25
C CYS B 123 -1.63 -11.82 8.90
N ARG B 124 -0.82 -10.77 8.87
CA ARG B 124 -0.11 -10.38 7.66
C ARG B 124 1.39 -10.61 7.78
N ARG B 125 1.82 -11.36 8.79
CA ARG B 125 3.23 -11.68 8.98
C ARG B 125 3.54 -13.06 8.41
N GLU B 126 4.80 -13.24 8.05
CA GLU B 126 5.23 -14.45 7.37
C GLU B 126 5.39 -15.62 8.33
N LEU B 127 5.19 -16.81 7.79
CA LEU B 127 5.48 -18.06 8.49
C LEU B 127 6.33 -18.91 7.55
N PRO B 128 7.60 -19.13 7.83
CA PRO B 128 8.41 -19.99 6.95
C PRO B 128 7.93 -21.43 7.01
N PHE B 129 8.09 -22.12 5.87
CA PHE B 129 7.69 -23.53 5.79
C PHE B 129 8.41 -24.37 6.83
N THR B 130 9.61 -23.96 7.26
CA THR B 130 10.33 -24.69 8.30
C THR B 130 9.51 -24.82 9.58
N LYS B 131 8.59 -23.88 9.84
CA LYS B 131 7.80 -23.94 11.06
C LYS B 131 6.54 -24.78 10.94
N SER B 132 6.15 -25.20 9.74
CA SER B 132 4.97 -26.02 9.53
C SER B 132 5.30 -27.43 9.05
N ALA B 133 6.57 -27.82 9.15
CA ALA B 133 7.04 -29.07 8.55
C ALA B 133 6.43 -30.31 9.21
N HIS B 134 5.93 -30.18 10.43
CA HIS B 134 5.30 -31.29 11.14
C HIS B 134 3.82 -31.46 10.79
N LEU B 135 3.23 -30.53 10.04
CA LEU B 135 1.80 -30.57 9.73
C LEU B 135 1.57 -31.17 8.34
N THR B 136 0.70 -32.17 8.26
CA THR B 136 0.32 -32.82 7.03
C THR B 136 -1.19 -32.73 6.84
N ASN B 137 -1.63 -32.60 5.59
CA ASN B 137 -3.03 -32.35 5.28
C ASN B 137 -3.69 -33.64 4.84
N PRO B 138 -4.61 -34.21 5.64
CA PRO B 138 -5.29 -35.44 5.22
C PRO B 138 -6.03 -35.33 3.91
N TRP B 139 -6.49 -34.14 3.53
CA TRP B 139 -7.25 -33.97 2.30
C TRP B 139 -6.35 -33.73 1.10
N ASN B 140 -5.03 -33.83 1.28
CA ASN B 140 -4.08 -33.87 0.17
C ASN B 140 -3.10 -35.02 0.38
N GLU B 141 -3.64 -36.22 0.59
CA GLU B 141 -2.85 -37.46 0.67
C GLU B 141 -1.86 -37.44 1.83
N HIS B 142 -2.16 -36.68 2.89
CA HIS B 142 -1.30 -36.56 4.06
C HIS B 142 0.09 -36.01 3.73
N LYS B 143 0.17 -35.16 2.69
CA LYS B 143 1.41 -34.48 2.35
C LYS B 143 1.58 -33.25 3.25
N PRO B 144 2.82 -32.80 3.47
CA PRO B 144 3.04 -31.58 4.26
C PRO B 144 2.17 -30.44 3.74
N VAL B 145 1.64 -29.65 4.68
CA VAL B 145 0.61 -28.66 4.35
C VAL B 145 1.10 -27.59 3.40
N LYS B 146 2.42 -27.36 3.34
CA LYS B 146 2.97 -26.41 2.36
C LYS B 146 2.74 -26.86 0.91
N ILE B 147 2.48 -28.14 0.69
CA ILE B 147 2.31 -28.68 -0.66
C ILE B 147 0.85 -28.55 -1.06
N GLY B 148 0.61 -27.91 -2.19
CA GLY B 148 -0.73 -27.89 -2.76
C GLY B 148 -0.86 -26.90 -3.89
N ARG B 149 -1.83 -27.13 -4.76
CA ARG B 149 -2.17 -26.19 -5.81
C ARG B 149 -2.95 -25.02 -5.23
N ASP B 150 -3.00 -23.93 -5.97
CA ASP B 150 -3.90 -22.83 -5.62
C ASP B 150 -5.32 -23.36 -5.43
N GLY B 151 -5.91 -23.06 -4.28
CA GLY B 151 -7.24 -23.53 -3.97
C GLY B 151 -7.32 -24.82 -3.20
N GLN B 152 -6.19 -25.47 -2.91
CA GLN B 152 -6.21 -26.75 -2.21
C GLN B 152 -6.89 -26.58 -0.84
N GLU B 153 -7.90 -27.39 -0.57
CA GLU B 153 -8.57 -27.28 0.72
C GLU B 153 -7.78 -28.02 1.79
N ILE B 154 -7.72 -27.44 2.98
CA ILE B 154 -6.96 -27.99 4.10
C ILE B 154 -7.96 -28.45 5.16
N GLU B 155 -7.81 -29.70 5.60
CA GLU B 155 -8.69 -30.26 6.62
C GLU B 155 -8.67 -29.42 7.90
N LEU B 156 -9.79 -29.45 8.64
CA LEU B 156 -10.04 -28.52 9.74
C LEU B 156 -8.92 -28.50 10.79
N GLU B 157 -8.55 -29.67 11.33
CA GLU B 157 -7.54 -29.67 12.39
C GLU B 157 -6.20 -29.19 11.87
N CYS B 158 -5.81 -29.63 10.68
CA CYS B 158 -4.53 -29.20 10.13
C CYS B 158 -4.53 -27.70 9.86
N GLY B 159 -5.62 -27.18 9.28
CA GLY B 159 -5.69 -25.76 9.02
C GLY B 159 -5.66 -24.94 10.30
N THR B 160 -6.34 -25.44 11.34
CA THR B 160 -6.37 -24.73 12.61
C THR B 160 -4.98 -24.65 13.20
N GLN B 161 -4.27 -25.78 13.24
CA GLN B 161 -2.91 -25.77 13.78
C GLN B 161 -1.98 -24.90 12.96
N LEU B 162 -2.14 -24.90 11.63
CA LEU B 162 -1.31 -24.04 10.79
C LEU B 162 -1.52 -22.57 11.13
N CYS B 163 -2.78 -22.15 11.25
CA CYS B 163 -3.05 -20.76 11.60
C CYS B 163 -2.50 -20.39 12.96
N LEU B 164 -2.54 -21.33 13.92
CA LEU B 164 -2.03 -21.05 15.27
C LEU B 164 -0.50 -20.89 15.29
N LEU B 165 0.19 -21.36 14.24
CA LEU B 165 1.64 -21.20 14.19
C LEU B 165 2.07 -19.77 13.90
N PHE B 166 1.22 -18.97 13.24
CA PHE B 166 1.61 -17.62 12.85
C PHE B 166 1.84 -16.75 14.07
N PRO B 167 2.76 -15.79 13.99
CA PRO B 167 3.00 -14.89 15.13
C PRO B 167 1.87 -13.89 15.27
N PRO B 168 1.69 -13.30 16.45
CA PRO B 168 0.67 -12.27 16.61
C PRO B 168 0.99 -11.06 15.75
N ASP B 169 -0.04 -10.44 15.21
CA ASP B 169 0.11 -9.30 14.32
C ASP B 169 -0.48 -8.08 15.02
N GLU B 170 0.40 -7.17 15.44
CA GLU B 170 -0.05 -6.03 16.20
C GLU B 170 -0.77 -4.98 15.37
N SER B 171 -0.78 -5.12 14.04
CA SER B 171 -1.56 -4.24 13.19
C SER B 171 -3.00 -4.70 13.04
N ILE B 172 -3.34 -5.89 13.55
CA ILE B 172 -4.63 -6.51 13.36
C ILE B 172 -5.42 -6.47 14.66
N ASP B 173 -6.71 -6.16 14.55
CA ASP B 173 -7.66 -6.20 15.66
C ASP B 173 -8.74 -7.20 15.27
N LEU B 174 -8.80 -8.33 15.97
CA LEU B 174 -9.80 -9.34 15.65
C LEU B 174 -11.23 -8.89 15.93
N TYR B 175 -11.41 -7.70 16.49
CA TYR B 175 -12.74 -7.24 16.89
C TYR B 175 -13.71 -7.21 15.72
N GLN B 176 -13.25 -6.69 14.58
CA GLN B 176 -14.11 -6.59 13.40
C GLN B 176 -14.56 -7.97 12.93
N VAL B 177 -13.62 -8.91 12.84
CA VAL B 177 -13.96 -10.25 12.36
C VAL B 177 -14.98 -10.90 13.28
N ILE B 178 -14.71 -10.87 14.59
CA ILE B 178 -15.61 -11.51 15.53
C ILE B 178 -17.00 -10.91 15.45
N HIS B 179 -17.08 -9.58 15.27
CA HIS B 179 -18.37 -8.91 15.26
C HIS B 179 -19.23 -9.24 14.03
N LYS B 180 -18.63 -9.69 12.93
CA LYS B 180 -19.38 -10.00 11.73
C LYS B 180 -19.60 -11.50 11.52
N MET B 181 -19.34 -12.32 12.52
CA MET B 181 -19.59 -13.76 12.41
C MET B 181 -21.05 -14.10 12.77
S SO4 C . -13.80 24.16 0.72
O1 SO4 C . -13.25 24.49 2.04
O2 SO4 C . -14.61 22.94 0.84
O3 SO4 C . -14.61 25.24 0.17
O4 SO4 C . -12.68 23.87 -0.16
S SO4 D . 9.11 5.88 -11.31
O1 SO4 D . 9.10 6.99 -10.36
O2 SO4 D . 7.86 5.14 -11.19
O3 SO4 D . 10.24 5.01 -11.03
O4 SO4 D . 9.21 6.40 -12.67
S SO4 E . 17.52 28.61 -15.68
O1 SO4 E . 16.21 29.23 -15.59
O2 SO4 E . 17.38 27.16 -15.69
O3 SO4 E . 18.31 29.00 -14.51
O4 SO4 E . 18.20 29.05 -16.89
S SO4 F . 18.14 19.16 -0.48
O1 SO4 F . 18.09 17.70 -0.63
O2 SO4 F . 18.57 19.48 0.88
O3 SO4 F . 16.81 19.73 -0.70
O4 SO4 F . 19.08 19.72 -1.44
C13 OUZ G . -4.78 -14.43 -10.25
C15 OUZ G . -4.95 -14.10 -13.04
C17 OUZ G . -6.07 -13.67 -15.10
C20 OUZ G . -4.59 -15.39 -13.54
C22 OUZ G . -4.73 -11.73 -10.47
C01 OUZ G . -4.66 -11.92 -7.91
C02 OUZ G . -5.39 -12.37 -9.21
C14 OUZ G . -4.48 -13.70 -11.57
C16 OUZ G . -5.69 -13.26 -13.82
C18 OUZ G . -5.72 -14.91 -15.59
C19 OUZ G . -4.96 -15.78 -14.78
N03 OUZ G . -5.50 -13.73 -9.27
O21 OUZ G . -5.05 -12.45 -11.63
C13 OUZ H . -19.47 -15.71 21.87
C15 OUZ H . -17.35 -17.16 22.93
C17 OUZ H . -17.00 -19.51 22.95
C20 OUZ H . -15.94 -16.95 22.96
C22 OUZ H . -19.67 -15.13 24.57
C01 OUZ H . -21.51 -13.49 23.99
C02 OUZ H . -20.76 -14.78 23.52
C04 OUZ H . -19.64 -13.47 22.02
C05 OUZ H . -19.12 -13.39 20.55
C07 OUZ H . -20.54 -13.14 18.97
C08 OUZ H . -19.88 -13.17 17.57
C14 OUZ H . -18.32 -15.91 22.86
C16 OUZ H . -17.85 -18.42 22.91
C18 OUZ H . -15.63 -19.31 22.97
C19 OUZ H . -15.10 -18.01 22.98
N03 OUZ H . -20.29 -14.64 22.24
N06 OUZ H . -19.79 -12.52 19.89
O21 OUZ H . -18.80 -16.14 24.13
S SO4 I . 6.86 -9.98 9.00
O1 SO4 I . 6.86 -10.64 10.31
O2 SO4 I . 5.99 -8.80 9.03
O3 SO4 I . 6.37 -10.92 8.00
O4 SO4 I . 8.22 -9.55 8.67
S SO4 J . -22.46 -10.85 -8.22
O1 SO4 J . -21.87 -11.50 -7.06
O2 SO4 J . -23.44 -11.74 -8.83
O3 SO4 J . -21.41 -10.53 -9.19
O4 SO4 J . -23.09 -9.62 -7.80
S SO4 K . -1.83 -23.73 -9.83
O1 SO4 K . -1.40 -23.64 -8.43
O2 SO4 K . -2.10 -25.11 -10.16
O3 SO4 K . -0.77 -23.23 -10.70
O4 SO4 K . -3.05 -22.95 -10.04
S SO4 L . -1.43 -14.15 -8.77
O1 SO4 L . -2.61 -14.64 -8.06
O2 SO4 L . -0.75 -13.19 -7.92
O3 SO4 L . -1.80 -13.50 -10.03
O4 SO4 L . -0.55 -15.28 -9.08
S SO4 M . -22.19 -19.45 -7.72
O1 SO4 M . -21.64 -19.88 -6.44
O2 SO4 M . -23.59 -19.88 -7.81
O3 SO4 M . -22.12 -17.99 -7.82
O4 SO4 M . -21.43 -20.03 -8.82
#